data_3O5D
#
_entry.id   3O5D
#
_cell.length_a   113.730
_cell.length_b   113.730
_cell.length_c   112.126
_cell.angle_alpha   90.000
_cell.angle_beta   90.000
_cell.angle_gamma   90.000
#
_symmetry.space_group_name_H-M   'I 41'
#
_entity_poly.entity_id   1
_entity_poly.type   'polypeptide(L)'
_entity_poly.pdbx_seq_one_letter_code
;GAMAMTTDEGAKNNEESPTATVAEQGEDITSKKDRGVLKIVKRVGNGEETPMIGDKVYVHYKGKLSNGKKFDSSHDRNEP
FVFSLGKGQVIKAWDIGVATMKKGEICHLLCKPEYAYGSAGSLPKIPSNATLFFEIELLDFKGEDLFEDGGIIRRTKRKG
EGYSNPNEGATVEIHLEGRCGGRMFDCRDVAFTVGEGEDHDIPIGIDKALEKMQREEQCILYLGPRYGFGEAGKPKFGIE
PNAELIYEVTLKSFEKAKESWEMD
;
_entity_poly.pdbx_strand_id   A,B
#
# COMPACT_ATOMS: atom_id res chain seq x y z
N SER A 17 -39.78 8.73 12.01
CA SER A 17 -38.82 8.47 13.12
C SER A 17 -37.40 8.32 12.59
N PRO A 18 -36.49 9.24 12.99
CA PRO A 18 -35.09 9.21 12.55
C PRO A 18 -34.28 8.08 13.18
N THR A 19 -34.71 7.59 14.33
CA THR A 19 -34.00 6.53 15.07
C THR A 19 -34.36 5.12 14.58
N ALA A 20 -35.34 5.03 13.69
CA ALA A 20 -35.89 3.75 13.23
C ALA A 20 -34.94 2.92 12.36
N THR A 21 -34.26 3.57 11.42
CA THR A 21 -33.40 2.88 10.46
C THR A 21 -32.19 2.22 11.12
N VAL A 22 -31.54 2.95 12.03
CA VAL A 22 -30.35 2.47 12.74
C VAL A 22 -30.68 1.40 13.79
N ALA A 23 -31.93 1.38 14.23
CA ALA A 23 -32.39 0.43 15.24
C ALA A 23 -32.70 -0.96 14.66
N GLU A 24 -33.07 -0.99 13.38
CA GLU A 24 -33.53 -2.22 12.74
C GLU A 24 -32.57 -2.74 11.66
N GLN A 25 -31.88 -1.83 10.98
CA GLN A 25 -30.98 -2.20 9.89
C GLN A 25 -29.51 -1.94 10.22
N GLY A 26 -29.25 -1.40 11.41
CA GLY A 26 -27.90 -1.05 11.86
C GLY A 26 -26.98 -2.24 12.06
N GLU A 27 -25.77 -2.14 11.51
CA GLU A 27 -24.77 -3.19 11.63
C GLU A 27 -24.08 -3.14 13.00
N ASP A 28 -24.04 -4.30 13.67
CA ASP A 28 -23.40 -4.43 14.96
C ASP A 28 -21.88 -4.47 14.78
N ILE A 29 -21.19 -3.51 15.39
CA ILE A 29 -19.74 -3.37 15.24
C ILE A 29 -18.96 -3.56 16.55
N THR A 30 -19.63 -4.14 17.55
CA THR A 30 -19.01 -4.43 18.84
C THR A 30 -18.19 -5.71 18.79
N SER A 31 -17.11 -5.75 19.57
CA SER A 31 -16.20 -6.90 19.62
C SER A 31 -16.85 -8.15 20.22
N LYS A 32 -17.73 -7.94 21.19
CA LYS A 32 -18.48 -9.04 21.83
C LYS A 32 -19.72 -9.43 21.03
N LYS A 33 -20.11 -8.58 20.07
CA LYS A 33 -21.33 -8.73 19.28
C LYS A 33 -22.57 -8.82 20.16
N ASP A 34 -22.73 -7.82 21.03
CA ASP A 34 -23.84 -7.77 21.99
C ASP A 34 -24.88 -6.72 21.62
N ARG A 35 -24.80 -6.20 20.40
CA ARG A 35 -25.68 -5.14 19.89
C ARG A 35 -25.62 -3.85 20.71
N GLY A 36 -24.48 -3.61 21.35
CA GLY A 36 -24.27 -2.42 22.16
C GLY A 36 -24.13 -1.16 21.33
N VAL A 37 -23.53 -1.30 20.15
CA VAL A 37 -23.37 -0.20 19.21
C VAL A 37 -23.83 -0.63 17.82
N LEU A 38 -24.78 0.12 17.25
CA LEU A 38 -25.31 -0.16 15.92
C LEU A 38 -25.11 1.04 15.00
N LYS A 39 -24.63 0.77 13.78
CA LYS A 39 -24.21 1.83 12.87
C LYS A 39 -24.91 1.79 11.50
N ILE A 40 -25.30 2.97 11.02
CA ILE A 40 -25.84 3.15 9.67
C ILE A 40 -25.19 4.37 9.01
N VAL A 41 -24.61 4.16 7.84
CA VAL A 41 -23.99 5.24 7.06
C VAL A 41 -25.07 6.04 6.32
N LYS A 42 -25.07 7.35 6.53
CA LYS A 42 -26.02 8.24 5.85
C LYS A 42 -25.36 8.91 4.64
N ARG A 43 -24.14 9.40 4.84
CA ARG A 43 -23.33 9.93 3.74
C ARG A 43 -21.99 9.20 3.70
N VAL A 44 -21.60 8.73 2.53
CA VAL A 44 -20.32 8.04 2.33
C VAL A 44 -19.19 9.07 2.28
N GLY A 45 -18.15 8.83 3.07
CA GLY A 45 -16.97 9.68 3.09
C GLY A 45 -16.05 9.47 1.90
N ASN A 46 -14.91 10.13 1.92
CA ASN A 46 -13.90 10.00 0.87
C ASN A 46 -12.56 9.49 1.40
N GLY A 47 -11.90 8.65 0.60
CA GLY A 47 -10.61 8.07 0.98
C GLY A 47 -10.68 6.58 1.28
N GLU A 48 -9.64 6.07 1.93
CA GLU A 48 -9.55 4.65 2.24
C GLU A 48 -9.28 4.38 3.73
N GLU A 49 -8.38 5.16 4.32
CA GLU A 49 -7.97 4.95 5.71
C GLU A 49 -8.96 5.50 6.72
N THR A 50 -9.19 4.73 7.79
CA THR A 50 -9.98 5.16 8.94
C THR A 50 -9.04 5.73 10.00
N PRO A 51 -9.50 6.72 10.79
CA PRO A 51 -8.69 7.31 11.85
C PRO A 51 -8.14 6.27 12.83
N MET A 52 -6.93 6.51 13.33
CA MET A 52 -6.27 5.55 14.22
C MET A 52 -6.37 5.96 15.68
N ILE A 53 -5.72 5.16 16.54
CA ILE A 53 -5.64 5.40 17.96
C ILE A 53 -4.73 6.60 18.25
N GLY A 54 -5.26 7.57 18.99
CA GLY A 54 -4.51 8.78 19.35
C GLY A 54 -4.70 9.91 18.35
N ASP A 55 -5.11 9.56 17.14
CA ASP A 55 -5.35 10.53 16.07
C ASP A 55 -6.33 11.62 16.50
N LYS A 56 -6.00 12.88 16.18
CA LYS A 56 -6.85 14.02 16.49
C LYS A 56 -7.99 14.14 15.48
N VAL A 57 -9.22 14.03 15.96
CA VAL A 57 -10.40 14.00 15.09
C VAL A 57 -11.35 15.18 15.29
N TYR A 58 -11.85 15.69 14.17
CA TYR A 58 -12.76 16.84 14.16
C TYR A 58 -14.15 16.37 13.74
N VAL A 59 -15.15 16.64 14.57
CA VAL A 59 -16.51 16.15 14.33
C VAL A 59 -17.60 17.19 14.56
N HIS A 60 -18.77 16.91 13.99
CA HIS A 60 -20.02 17.62 14.31
C HIS A 60 -21.11 16.59 14.64
N TYR A 61 -21.60 16.62 15.88
CA TYR A 61 -22.55 15.61 16.36
C TYR A 61 -23.91 16.16 16.76
N LYS A 62 -24.85 15.25 17.00
CA LYS A 62 -26.19 15.57 17.48
C LYS A 62 -26.72 14.37 18.27
N GLY A 63 -26.85 14.54 19.59
CA GLY A 63 -27.25 13.45 20.48
C GLY A 63 -28.70 13.53 20.92
N LYS A 64 -29.44 12.45 20.69
CA LYS A 64 -30.86 12.38 21.08
C LYS A 64 -31.16 11.16 21.97
N LEU A 65 -32.03 11.37 22.95
CA LEU A 65 -32.44 10.31 23.87
C LEU A 65 -33.40 9.32 23.20
N SER A 66 -33.79 8.28 23.93
CA SER A 66 -34.74 7.29 23.43
C SER A 66 -36.15 7.87 23.20
N ASN A 67 -36.49 8.91 23.95
CA ASN A 67 -37.77 9.60 23.79
C ASN A 67 -37.80 10.57 22.61
N GLY A 68 -36.62 11.03 22.17
CA GLY A 68 -36.50 11.89 21.00
C GLY A 68 -35.87 13.25 21.26
N LYS A 69 -35.72 13.62 22.53
CA LYS A 69 -35.18 14.91 22.92
C LYS A 69 -33.68 15.01 22.74
N LYS A 70 -33.22 16.13 22.17
CA LYS A 70 -31.80 16.42 22.04
C LYS A 70 -31.21 16.87 23.38
N PHE A 71 -30.02 16.38 23.71
CA PHE A 71 -29.35 16.77 24.95
C PHE A 71 -28.02 17.51 24.72
N ASP A 72 -27.32 17.16 23.64
CA ASP A 72 -26.01 17.75 23.36
C ASP A 72 -25.67 17.74 21.86
N SER A 73 -25.09 18.85 21.41
CA SER A 73 -24.62 18.98 20.02
C SER A 73 -23.47 19.99 19.95
N SER A 74 -22.53 19.75 19.03
CA SER A 74 -21.35 20.61 18.87
C SER A 74 -21.68 21.95 18.20
N HIS A 75 -22.83 22.01 17.52
CA HIS A 75 -23.24 23.21 16.79
C HIS A 75 -23.70 24.36 17.68
N ASP A 76 -24.22 24.04 18.87
CA ASP A 76 -24.57 25.10 19.84
C ASP A 76 -23.35 25.64 20.61
N ARG A 77 -22.20 25.03 20.38
CA ARG A 77 -20.91 25.59 20.78
C ARG A 77 -20.31 26.42 19.64
N ASN A 78 -20.91 26.30 18.45
CA ASN A 78 -20.51 27.02 17.23
C ASN A 78 -19.09 26.70 16.75
N GLU A 79 -18.68 25.46 16.99
CA GLU A 79 -17.34 24.97 16.64
C GLU A 79 -17.30 23.44 16.55
N PRO A 80 -16.31 22.88 15.83
CA PRO A 80 -16.16 21.42 15.76
C PRO A 80 -15.65 20.82 17.07
N PHE A 81 -16.20 19.67 17.45
CA PHE A 81 -15.73 18.94 18.63
C PHE A 81 -14.48 18.15 18.28
N VAL A 82 -13.43 18.32 19.09
CA VAL A 82 -12.13 17.74 18.81
C VAL A 82 -11.64 16.92 20.01
N PHE A 83 -11.10 15.74 19.73
CA PHE A 83 -10.58 14.85 20.77
C PHE A 83 -9.59 13.83 20.21
N SER A 84 -8.84 13.18 21.12
CA SER A 84 -7.99 12.06 20.74
C SER A 84 -8.81 10.77 20.82
N LEU A 85 -8.75 9.98 19.75
CA LEU A 85 -9.54 8.75 19.64
C LEU A 85 -8.83 7.56 20.29
N GLY A 86 -9.60 6.71 20.96
CA GLY A 86 -9.08 5.52 21.62
C GLY A 86 -8.54 5.78 23.02
N LYS A 87 -8.46 7.05 23.40
CA LYS A 87 -7.92 7.45 24.71
C LYS A 87 -8.99 7.53 25.80
N GLY A 88 -10.25 7.35 25.42
CA GLY A 88 -11.36 7.40 26.37
C GLY A 88 -11.70 8.81 26.79
N GLN A 89 -11.48 9.77 25.88
CA GLN A 89 -11.84 11.16 26.10
C GLN A 89 -13.32 11.38 25.77
N VAL A 90 -13.92 10.37 25.16
CA VAL A 90 -15.36 10.33 24.85
C VAL A 90 -15.92 8.99 25.33
N ILE A 91 -17.23 8.79 25.15
CA ILE A 91 -17.86 7.51 25.50
C ILE A 91 -17.35 6.38 24.60
N LYS A 92 -17.35 5.16 25.14
CA LYS A 92 -16.79 3.99 24.45
C LYS A 92 -17.35 3.78 23.05
N ALA A 93 -18.65 4.06 22.89
CA ALA A 93 -19.32 3.91 21.59
C ALA A 93 -18.71 4.80 20.52
N TRP A 94 -18.30 6.01 20.90
CA TRP A 94 -17.64 6.94 19.98
C TRP A 94 -16.27 6.40 19.59
N ASP A 95 -15.45 6.07 20.59
CA ASP A 95 -14.11 5.50 20.37
C ASP A 95 -14.12 4.40 19.30
N ILE A 96 -15.08 3.50 19.39
CA ILE A 96 -15.23 2.41 18.42
C ILE A 96 -15.91 2.91 17.14
N GLY A 97 -17.06 3.58 17.29
CA GLY A 97 -17.87 4.02 16.17
C GLY A 97 -17.15 4.89 15.16
N VAL A 98 -16.42 5.88 15.68
CA VAL A 98 -15.69 6.82 14.81
C VAL A 98 -14.49 6.15 14.15
N ALA A 99 -13.90 5.17 14.84
CA ALA A 99 -12.76 4.41 14.31
C ALA A 99 -13.12 3.56 13.08
N THR A 100 -14.41 3.54 12.73
CA THR A 100 -14.90 2.81 11.56
C THR A 100 -15.38 3.77 10.46
N MET A 101 -15.23 5.07 10.70
CA MET A 101 -15.66 6.10 9.77
C MET A 101 -14.56 6.54 8.80
N LYS A 102 -14.96 7.14 7.69
CA LYS A 102 -14.02 7.76 6.74
C LYS A 102 -14.16 9.29 6.79
N LYS A 103 -13.19 9.99 6.20
CA LYS A 103 -13.17 11.46 6.19
C LYS A 103 -14.34 12.03 5.38
N GLY A 104 -15.20 12.79 6.05
CA GLY A 104 -16.37 13.39 5.40
C GLY A 104 -17.65 12.57 5.56
N GLU A 105 -17.53 11.40 6.15
CA GLU A 105 -18.66 10.48 6.34
C GLU A 105 -19.60 10.96 7.43
N ILE A 106 -20.90 10.75 7.22
CA ILE A 106 -21.91 10.92 8.27
C ILE A 106 -22.56 9.58 8.56
N CYS A 107 -22.78 9.29 9.83
CA CYS A 107 -23.40 8.03 10.24
C CYS A 107 -24.28 8.19 11.48
N HIS A 108 -25.13 7.18 11.72
CA HIS A 108 -25.98 7.15 12.90
C HIS A 108 -25.56 6.06 13.87
N LEU A 109 -25.68 6.35 15.16
CA LEU A 109 -25.27 5.42 16.21
C LEU A 109 -26.39 5.19 17.22
N LEU A 110 -26.71 3.92 17.46
CA LEU A 110 -27.61 3.54 18.54
C LEU A 110 -26.80 2.84 19.63
N CYS A 111 -26.59 3.53 20.74
CA CYS A 111 -25.65 3.10 21.77
C CYS A 111 -26.35 2.68 23.07
N LYS A 112 -26.13 1.42 23.46
CA LYS A 112 -26.62 0.91 24.74
C LYS A 112 -25.85 1.55 25.90
N PRO A 113 -26.48 1.62 27.10
CA PRO A 113 -25.86 2.23 28.27
C PRO A 113 -24.45 1.70 28.58
N GLU A 114 -24.22 0.42 28.32
CA GLU A 114 -22.91 -0.23 28.55
C GLU A 114 -21.78 0.41 27.75
N TYR A 115 -22.15 1.03 26.62
CA TYR A 115 -21.19 1.72 25.76
C TYR A 115 -21.36 3.23 25.80
N ALA A 116 -22.19 3.70 26.74
CA ALA A 116 -22.48 5.13 26.88
C ALA A 116 -22.17 5.65 28.28
N TYR A 117 -23.17 5.65 29.15
CA TYR A 117 -23.02 6.17 30.51
C TYR A 117 -23.29 5.12 31.59
N GLY A 118 -24.05 4.10 31.24
CA GLY A 118 -24.30 2.97 32.14
C GLY A 118 -25.49 3.15 33.07
N SER A 119 -25.39 2.56 34.25
CA SER A 119 -26.45 2.60 35.26
C SER A 119 -26.50 3.92 36.02
N ALA A 120 -25.36 4.60 36.10
CA ALA A 120 -25.26 5.87 36.83
C ALA A 120 -25.86 7.05 36.06
N GLY A 121 -25.71 7.02 34.73
CA GLY A 121 -26.19 8.09 33.86
C GLY A 121 -25.36 9.35 33.97
N SER A 122 -25.87 10.45 33.42
CA SER A 122 -25.18 11.74 33.49
C SER A 122 -26.14 12.87 33.85
N LEU A 123 -25.81 13.58 34.91
CA LEU A 123 -26.62 14.70 35.39
C LEU A 123 -26.46 15.93 34.48
N PRO A 124 -27.55 16.68 34.25
CA PRO A 124 -28.93 16.42 34.68
C PRO A 124 -29.86 15.86 33.60
N LYS A 125 -29.33 15.56 32.42
CA LYS A 125 -30.18 15.19 31.27
C LYS A 125 -30.22 13.69 30.92
N ILE A 126 -29.09 12.99 31.09
CA ILE A 126 -29.03 11.56 30.79
C ILE A 126 -29.53 10.72 31.97
N PRO A 127 -30.59 9.92 31.74
CA PRO A 127 -31.15 9.06 32.79
C PRO A 127 -30.39 7.74 32.95
N SER A 128 -30.83 6.93 33.91
CA SER A 128 -30.21 5.64 34.23
C SER A 128 -30.48 4.60 33.15
N ASN A 129 -29.45 3.83 32.81
CA ASN A 129 -29.50 2.78 31.77
C ASN A 129 -30.11 3.27 30.45
N ALA A 130 -29.59 4.38 29.94
CA ALA A 130 -30.15 5.04 28.77
C ALA A 130 -29.53 4.58 27.46
N THR A 131 -30.39 4.23 26.51
CA THR A 131 -29.97 3.92 25.14
C THR A 131 -30.04 5.22 24.32
N LEU A 132 -28.95 5.54 23.64
CA LEU A 132 -28.78 6.85 23.01
C LEU A 132 -28.63 6.80 21.48
N PHE A 133 -28.90 7.93 20.85
CA PHE A 133 -28.79 8.09 19.39
C PHE A 133 -27.79 9.20 19.04
N PHE A 134 -26.93 8.94 18.06
CA PHE A 134 -25.91 9.91 17.66
C PHE A 134 -25.70 10.01 16.16
N GLU A 135 -25.75 11.25 15.64
CA GLU A 135 -25.39 11.53 14.26
C GLU A 135 -24.08 12.32 14.23
N ILE A 136 -23.00 11.63 13.86
CA ILE A 136 -21.68 12.25 13.83
C ILE A 136 -21.14 12.34 12.40
N GLU A 137 -20.56 13.50 12.07
CA GLU A 137 -19.83 13.66 10.81
C GLU A 137 -18.34 13.83 11.10
N LEU A 138 -17.54 12.96 10.49
CA LEU A 138 -16.09 13.06 10.61
C LEU A 138 -15.55 14.10 9.62
N LEU A 139 -15.28 15.29 10.14
CA LEU A 139 -14.84 16.41 9.32
C LEU A 139 -13.41 16.25 8.83
N ASP A 140 -12.52 15.90 9.76
CA ASP A 140 -11.10 15.71 9.46
C ASP A 140 -10.43 14.89 10.57
N PHE A 141 -9.38 14.16 10.21
CA PHE A 141 -8.56 13.48 11.21
C PHE A 141 -7.07 13.66 10.93
N LYS A 142 -6.32 14.00 11.98
CA LYS A 142 -4.88 14.25 11.89
C LYS A 142 -4.11 13.32 12.83
N GLY A 143 -2.80 13.24 12.64
CA GLY A 143 -1.95 12.43 13.50
C GLY A 143 -1.78 12.99 14.90
N GLU A 144 -1.10 12.22 15.75
CA GLU A 144 -0.84 12.65 17.13
C GLU A 144 0.46 13.45 17.20
N ASP A 145 0.32 14.77 17.34
CA ASP A 145 1.47 15.66 17.52
C ASP A 145 2.08 15.41 18.90
N LEU A 146 3.11 14.57 18.92
CA LEU A 146 3.66 14.05 20.18
C LEU A 146 4.21 15.11 21.13
N PHE A 147 4.73 16.20 20.59
CA PHE A 147 5.32 17.25 21.42
C PHE A 147 4.76 18.63 21.13
N GLU A 148 3.51 18.66 20.64
CA GLU A 148 2.77 19.90 20.34
C GLU A 148 3.57 20.89 19.50
N ASP A 149 4.54 20.37 18.75
CA ASP A 149 5.43 21.18 17.94
C ASP A 149 5.42 20.75 16.48
N GLY A 150 4.74 19.63 16.21
CA GLY A 150 4.67 19.06 14.88
C GLY A 150 5.97 18.38 14.48
N GLY A 151 6.92 18.34 15.42
CA GLY A 151 8.22 17.71 15.19
C GLY A 151 8.09 16.23 14.92
N ILE A 152 7.43 15.51 15.83
CA ILE A 152 7.17 14.09 15.65
C ILE A 152 5.67 13.81 15.64
N ILE A 153 5.21 13.26 14.52
CA ILE A 153 3.81 12.88 14.36
C ILE A 153 3.67 11.37 14.43
N ARG A 154 2.83 10.91 15.36
CA ARG A 154 2.59 9.48 15.55
C ARG A 154 1.24 9.08 14.99
N ARG A 155 1.21 7.94 14.30
CA ARG A 155 -0.03 7.27 13.97
C ARG A 155 0.07 5.79 14.34
N THR A 156 -0.69 5.41 15.36
CA THR A 156 -0.61 4.09 15.97
C THR A 156 -1.27 3.03 15.12
N LYS A 157 -0.47 2.07 14.66
CA LYS A 157 -0.97 0.91 13.92
C LYS A 157 -1.65 -0.08 14.87
N ARG A 158 -1.09 -0.23 16.07
CA ARG A 158 -1.61 -1.16 17.05
C ARG A 158 -1.44 -0.68 18.49
N LYS A 159 -2.50 -0.80 19.27
CA LYS A 159 -2.47 -0.52 20.70
C LYS A 159 -1.51 -1.46 21.41
N GLY A 160 -0.81 -0.94 22.40
CA GLY A 160 0.09 -1.75 23.22
C GLY A 160 -0.60 -2.37 24.41
N GLU A 161 0.21 -2.92 25.32
CA GLU A 161 -0.27 -3.43 26.60
C GLU A 161 0.77 -3.10 27.66
N GLY A 162 0.64 -1.91 28.24
CA GLY A 162 1.62 -1.42 29.21
C GLY A 162 1.06 -0.48 30.27
N TYR A 163 1.39 -0.78 31.53
CA TYR A 163 1.09 0.12 32.65
C TYR A 163 2.12 1.24 32.71
N SER A 164 3.30 0.99 32.15
CA SER A 164 4.41 1.93 32.20
C SER A 164 4.96 2.27 30.82
N ASN A 165 5.92 3.20 30.80
CA ASN A 165 6.58 3.64 29.57
C ASN A 165 8.11 3.64 29.73
N PRO A 166 8.85 3.32 28.65
CA PRO A 166 10.31 3.34 28.71
C PRO A 166 10.84 4.73 29.03
N ASN A 167 11.70 4.82 30.04
CA ASN A 167 12.30 6.08 30.45
C ASN A 167 13.69 6.28 29.84
N GLU A 168 14.28 7.44 30.06
CA GLU A 168 15.64 7.70 29.61
C GLU A 168 16.60 6.74 30.32
N GLY A 169 17.41 6.06 29.53
CA GLY A 169 18.33 5.05 30.05
C GLY A 169 17.74 3.66 30.03
N ALA A 170 16.50 3.54 29.57
CA ALA A 170 15.83 2.25 29.46
C ALA A 170 16.38 1.44 28.29
N THR A 171 16.74 0.19 28.56
CA THR A 171 17.12 -0.75 27.52
C THR A 171 15.87 -1.20 26.80
N VAL A 172 15.91 -1.21 25.48
CA VAL A 172 14.74 -1.55 24.68
C VAL A 172 15.07 -2.56 23.60
N GLU A 173 14.03 -3.19 23.07
CA GLU A 173 14.13 -4.11 21.96
C GLU A 173 12.99 -3.80 21.00
N ILE A 174 13.34 -3.24 19.85
CA ILE A 174 12.33 -2.80 18.89
C ILE A 174 12.62 -3.25 17.46
N HIS A 175 11.56 -3.40 16.68
CA HIS A 175 11.71 -3.50 15.24
C HIS A 175 11.60 -2.11 14.66
N LEU A 176 12.45 -1.82 13.70
CA LEU A 176 12.58 -0.46 13.16
C LEU A 176 12.66 -0.46 11.65
N GLU A 177 11.78 0.34 11.03
CA GLU A 177 11.77 0.53 9.58
C GLU A 177 11.79 2.02 9.28
N GLY A 178 12.79 2.46 8.53
CA GLY A 178 12.94 3.89 8.22
C GLY A 178 13.10 4.19 6.73
N ARG A 179 12.26 5.09 6.24
CA ARG A 179 12.36 5.53 4.84
C ARG A 179 12.61 7.03 4.70
N CYS A 180 13.18 7.41 3.56
CA CYS A 180 13.50 8.79 3.26
C CYS A 180 12.68 9.27 2.07
N GLY A 181 11.51 9.81 2.36
CA GLY A 181 10.59 10.33 1.34
C GLY A 181 10.06 9.28 0.37
N GLY A 182 10.18 8.00 0.75
CA GLY A 182 9.74 6.91 -0.11
C GLY A 182 10.84 5.90 -0.41
N ARG A 183 12.07 6.21 0.01
CA ARG A 183 13.18 5.28 -0.12
C ARG A 183 13.51 4.75 1.26
N MET A 184 13.26 3.47 1.47
CA MET A 184 13.54 2.81 2.74
C MET A 184 15.05 2.60 2.87
N PHE A 185 15.60 2.91 4.05
CA PHE A 185 17.04 2.85 4.27
C PHE A 185 17.46 1.97 5.44
N ASP A 186 16.56 1.79 6.40
CA ASP A 186 16.85 1.04 7.61
C ASP A 186 15.76 0.01 7.91
N CYS A 187 16.18 -1.24 8.05
CA CYS A 187 15.28 -2.30 8.46
C CYS A 187 16.03 -3.37 9.25
N ARG A 188 15.62 -3.55 10.50
CA ARG A 188 16.29 -4.44 11.46
C ARG A 188 15.53 -4.49 12.78
N ASP A 189 15.85 -5.51 13.58
CA ASP A 189 15.43 -5.56 14.98
C ASP A 189 16.62 -5.14 15.82
N VAL A 190 16.48 -4.04 16.55
CA VAL A 190 17.58 -3.48 17.32
C VAL A 190 17.33 -3.56 18.82
N ALA A 191 18.40 -3.80 19.57
CA ALA A 191 18.37 -3.68 21.02
C ALA A 191 19.38 -2.62 21.43
N PHE A 192 18.90 -1.57 22.09
CA PHE A 192 19.74 -0.44 22.49
C PHE A 192 19.21 0.24 23.76
N THR A 193 19.84 1.36 24.11
CA THR A 193 19.47 2.13 25.29
C THR A 193 18.83 3.45 24.90
N VAL A 194 17.76 3.81 25.58
CA VAL A 194 17.06 5.07 25.34
C VAL A 194 17.96 6.25 25.70
N GLY A 195 18.10 7.17 24.76
CA GLY A 195 19.00 8.31 24.89
C GLY A 195 20.26 8.11 24.04
N GLU A 196 20.55 6.85 23.75
CA GLU A 196 21.77 6.47 23.03
C GLU A 196 21.48 5.74 21.71
N GLY A 197 20.51 6.25 20.96
CA GLY A 197 20.20 5.72 19.63
C GLY A 197 21.25 6.11 18.62
N GLU A 198 21.97 7.20 18.91
CA GLU A 198 23.06 7.72 18.08
C GLU A 198 24.06 6.63 17.71
N ASP A 199 24.50 5.88 18.72
CA ASP A 199 25.50 4.82 18.57
C ASP A 199 25.08 3.77 17.54
N HIS A 200 23.80 3.42 17.54
CA HIS A 200 23.26 2.41 16.63
C HIS A 200 22.62 3.02 15.39
N ASP A 201 23.08 4.22 15.02
CA ASP A 201 22.60 4.92 13.82
C ASP A 201 21.08 5.08 13.84
N ILE A 202 20.59 5.70 14.91
CA ILE A 202 19.16 5.90 15.09
C ILE A 202 18.90 7.35 15.48
N PRO A 203 17.96 8.02 14.77
CA PRO A 203 17.62 9.42 15.02
C PRO A 203 17.21 9.70 16.46
N ILE A 204 17.32 10.94 16.90
CA ILE A 204 16.92 11.35 18.24
C ILE A 204 15.40 11.18 18.45
N GLY A 205 14.63 11.35 17.37
CA GLY A 205 13.18 11.24 17.40
C GLY A 205 12.65 9.92 17.95
N ILE A 206 13.19 8.81 17.46
CA ILE A 206 12.80 7.48 17.92
C ILE A 206 12.93 7.39 19.43
N ASP A 207 14.09 7.81 19.94
CA ASP A 207 14.37 7.80 21.37
C ASP A 207 13.41 8.70 22.13
N LYS A 208 12.97 9.77 21.48
CA LYS A 208 12.05 10.73 22.09
C LYS A 208 10.62 10.18 22.07
N ALA A 209 10.30 9.40 21.03
CA ALA A 209 8.96 8.84 20.84
C ALA A 209 8.73 7.55 21.65
N LEU A 210 9.79 6.81 21.92
CA LEU A 210 9.72 5.60 22.72
C LEU A 210 9.19 5.87 24.13
N GLU A 211 9.54 7.04 24.67
CA GLU A 211 9.08 7.44 26.00
C GLU A 211 7.57 7.57 26.09
N LYS A 212 6.93 7.73 24.94
CA LYS A 212 5.46 7.72 24.87
C LYS A 212 4.97 6.54 24.03
N MET A 213 5.36 5.33 24.46
CA MET A 213 4.97 4.08 23.80
C MET A 213 4.82 2.93 24.80
N GLN A 214 3.93 2.00 24.48
CA GLN A 214 3.66 0.83 25.32
C GLN A 214 4.30 -0.43 24.76
N ARG A 215 4.38 -1.47 25.59
CA ARG A 215 4.79 -2.79 25.13
C ARG A 215 3.83 -3.28 24.06
N GLU A 216 4.39 -3.75 22.95
CA GLU A 216 3.62 -4.30 21.82
C GLU A 216 2.90 -3.24 21.00
N GLU A 217 3.35 -1.99 21.09
CA GLU A 217 2.76 -0.90 20.32
C GLU A 217 3.45 -0.71 18.97
N GLN A 218 2.67 -0.84 17.89
CA GLN A 218 3.13 -0.50 16.55
C GLN A 218 2.61 0.87 16.19
N CYS A 219 3.49 1.70 15.65
CA CYS A 219 3.10 3.03 15.22
C CYS A 219 4.02 3.55 14.13
N ILE A 220 3.48 4.44 13.30
CA ILE A 220 4.24 5.08 12.25
C ILE A 220 4.62 6.48 12.71
N LEU A 221 5.85 6.87 12.44
CA LEU A 221 6.40 8.13 12.93
C LEU A 221 6.93 9.03 11.82
N TYR A 222 6.32 10.22 11.73
CA TYR A 222 6.75 11.24 10.78
C TYR A 222 7.71 12.17 11.51
N LEU A 223 8.98 12.11 11.15
CA LEU A 223 10.01 12.91 11.81
C LEU A 223 10.27 14.21 11.08
N GLY A 224 10.24 15.31 11.83
CA GLY A 224 10.65 16.61 11.32
C GLY A 224 12.16 16.70 11.23
N PRO A 225 12.67 17.73 10.53
CA PRO A 225 14.11 17.90 10.35
C PRO A 225 14.85 18.03 11.69
N ARG A 226 14.15 18.51 12.71
CA ARG A 226 14.72 18.69 14.04
C ARG A 226 14.89 17.37 14.79
N TYR A 227 14.07 16.38 14.43
CA TYR A 227 14.12 15.06 15.07
C TYR A 227 14.63 13.97 14.14
N GLY A 228 15.05 14.37 12.95
CA GLY A 228 15.70 13.46 11.99
C GLY A 228 17.16 13.29 12.32
N PHE A 229 18.02 13.49 11.32
CA PHE A 229 19.47 13.42 11.53
C PHE A 229 20.11 14.80 11.63
N GLY A 230 19.31 15.84 11.40
CA GLY A 230 19.74 17.22 11.57
C GLY A 230 20.64 17.74 10.46
N GLU A 231 21.31 18.85 10.75
CA GLU A 231 22.21 19.53 9.81
C GLU A 231 23.33 18.64 9.29
N ALA A 232 23.52 17.49 9.93
CA ALA A 232 24.57 16.55 9.57
C ALA A 232 24.12 15.59 8.46
N GLY A 233 22.85 15.21 8.49
CA GLY A 233 22.34 14.18 7.59
C GLY A 233 22.85 12.81 8.01
N LYS A 234 22.82 11.85 7.09
CA LYS A 234 23.29 10.50 7.35
C LYS A 234 23.82 9.84 6.08
N PRO A 235 25.15 9.92 5.88
CA PRO A 235 25.83 9.47 4.68
C PRO A 235 25.78 7.97 4.48
N LYS A 236 25.99 7.20 5.54
CA LYS A 236 25.95 5.73 5.43
C LYS A 236 24.57 5.25 4.98
N PHE A 237 23.54 6.05 5.25
CA PHE A 237 22.20 5.77 4.76
C PHE A 237 21.88 6.56 3.50
N GLY A 238 22.75 7.52 3.17
CA GLY A 238 22.55 8.38 2.01
C GLY A 238 21.45 9.40 2.25
N ILE A 239 21.45 9.98 3.45
CA ILE A 239 20.45 10.95 3.84
C ILE A 239 21.05 12.35 3.94
N GLU A 240 20.41 13.29 3.24
CA GLU A 240 20.85 14.68 3.20
C GLU A 240 20.56 15.39 4.53
N PRO A 241 21.27 16.51 4.80
CA PRO A 241 21.01 17.32 5.99
C PRO A 241 19.55 17.73 6.14
N ASN A 242 19.06 17.69 7.37
CA ASN A 242 17.69 18.09 7.70
C ASN A 242 16.64 17.47 6.77
N ALA A 243 16.58 16.15 6.78
CA ALA A 243 15.62 15.43 5.95
C ALA A 243 14.46 14.90 6.79
N GLU A 244 13.26 14.92 6.22
CA GLU A 244 12.06 14.39 6.86
C GLU A 244 11.96 12.89 6.61
N LEU A 245 11.86 12.12 7.69
CA LEU A 245 11.92 10.65 7.62
C LEU A 245 10.62 10.01 8.11
N ILE A 246 10.36 8.78 7.64
CA ILE A 246 9.19 8.02 8.09
C ILE A 246 9.59 6.65 8.63
N TYR A 247 9.30 6.42 9.90
CA TYR A 247 9.68 5.20 10.61
C TYR A 247 8.49 4.40 11.09
N GLU A 248 8.63 3.07 11.09
CA GLU A 248 7.70 2.18 11.77
C GLU A 248 8.41 1.60 12.98
N VAL A 249 7.92 1.93 14.17
CA VAL A 249 8.54 1.45 15.40
C VAL A 249 7.65 0.43 16.08
N THR A 250 8.24 -0.72 16.37
CA THR A 250 7.54 -1.80 17.07
C THR A 250 8.31 -2.13 18.34
N LEU A 251 7.81 -1.65 19.47
CA LEU A 251 8.42 -1.90 20.77
C LEU A 251 8.07 -3.30 21.26
N LYS A 252 9.03 -4.21 21.17
CA LYS A 252 8.82 -5.59 21.54
C LYS A 252 8.91 -5.79 23.05
N SER A 253 10.02 -5.35 23.63
CA SER A 253 10.26 -5.53 25.07
C SER A 253 11.24 -4.49 25.59
N PHE A 254 11.06 -4.10 26.85
CA PHE A 254 11.97 -3.14 27.50
C PHE A 254 12.14 -3.37 29.01
N GLU A 255 13.19 -2.77 29.54
CA GLU A 255 13.48 -2.77 30.98
C GLU A 255 13.93 -1.37 31.38
N LYS A 256 13.15 -0.74 32.26
CA LYS A 256 13.44 0.63 32.70
C LYS A 256 14.70 0.71 33.55
N ALA A 257 15.42 1.82 33.43
CA ALA A 257 16.58 2.10 34.27
C ALA A 257 16.12 2.66 35.61
N LYS A 258 17.01 2.62 36.59
CA LYS A 258 16.73 3.14 37.94
C LYS A 258 16.57 4.66 37.93
N SER B 17 -23.28 0.54 -35.59
CA SER B 17 -21.83 0.23 -35.80
C SER B 17 -21.11 0.09 -34.47
N PRO B 18 -20.44 -1.06 -34.25
CA PRO B 18 -19.68 -1.31 -33.02
C PRO B 18 -18.39 -0.47 -32.91
N THR B 19 -17.90 0.01 -34.05
CA THR B 19 -16.66 0.80 -34.10
C THR B 19 -16.87 2.29 -33.84
N ALA B 20 -18.14 2.71 -33.81
CA ALA B 20 -18.51 4.13 -33.74
C ALA B 20 -18.15 4.84 -32.43
N THR B 21 -18.44 4.21 -31.30
CA THR B 21 -18.26 4.84 -29.98
C THR B 21 -16.78 5.04 -29.62
N VAL B 22 -15.94 4.06 -29.94
CA VAL B 22 -14.51 4.14 -29.65
C VAL B 22 -13.77 5.07 -30.62
N ALA B 23 -14.36 5.31 -31.78
CA ALA B 23 -13.77 6.17 -32.81
C ALA B 23 -14.21 7.63 -32.67
N GLU B 24 -14.98 7.93 -31.62
CA GLU B 24 -15.52 9.27 -31.42
C GLU B 24 -15.47 9.74 -29.97
N GLN B 25 -15.56 8.80 -29.04
CA GLN B 25 -15.52 9.10 -27.61
C GLN B 25 -14.31 8.47 -26.92
N GLY B 26 -13.49 7.75 -27.69
CA GLY B 26 -12.33 7.03 -27.17
C GLY B 26 -11.26 7.93 -26.56
N GLU B 27 -10.66 7.45 -25.47
CA GLU B 27 -9.59 8.18 -24.79
C GLU B 27 -8.24 7.82 -25.39
N ASP B 28 -7.47 8.84 -25.73
CA ASP B 28 -6.12 8.66 -26.26
C ASP B 28 -5.16 8.33 -25.12
N ILE B 29 -4.49 7.19 -25.22
CA ILE B 29 -3.57 6.73 -24.18
C ILE B 29 -2.12 6.64 -24.66
N THR B 30 -1.86 7.23 -25.82
CA THR B 30 -0.51 7.26 -26.40
C THR B 30 0.38 8.30 -25.70
N SER B 31 1.66 7.99 -25.57
CA SER B 31 2.62 8.85 -24.89
C SER B 31 2.91 10.13 -25.67
N LYS B 32 2.85 10.05 -26.99
CA LYS B 32 3.04 11.21 -27.88
C LYS B 32 1.76 12.03 -28.03
N LYS B 33 0.63 11.42 -27.68
CA LYS B 33 -0.71 12.00 -27.88
C LYS B 33 -0.98 12.31 -29.36
N ASP B 34 -0.97 11.25 -30.16
CA ASP B 34 -1.14 11.35 -31.61
C ASP B 34 -2.40 10.66 -32.13
N ARG B 35 -3.26 10.22 -31.19
CA ARG B 35 -4.49 9.49 -31.49
C ARG B 35 -4.23 8.16 -32.22
N GLY B 36 -3.08 7.55 -31.93
CA GLY B 36 -2.71 6.27 -32.51
C GLY B 36 -3.43 5.11 -31.86
N VAL B 37 -3.78 5.28 -30.58
CA VAL B 37 -4.51 4.28 -29.80
C VAL B 37 -5.66 4.96 -29.04
N LEU B 38 -6.88 4.50 -29.29
CA LEU B 38 -8.08 5.05 -28.63
C LEU B 38 -8.85 3.96 -27.89
N LYS B 39 -9.19 4.22 -26.63
CA LYS B 39 -9.75 3.20 -25.74
C LYS B 39 -11.10 3.57 -25.13
N ILE B 40 -12.00 2.58 -25.09
CA ILE B 40 -13.28 2.69 -24.37
C ILE B 40 -13.53 1.42 -23.56
N VAL B 41 -13.75 1.58 -22.26
CA VAL B 41 -14.04 0.47 -21.36
C VAL B 41 -15.49 0.04 -21.52
N LYS B 42 -15.68 -1.22 -21.92
CA LYS B 42 -17.02 -1.79 -22.07
C LYS B 42 -17.52 -2.42 -20.77
N ARG B 43 -16.68 -3.28 -20.18
CA ARG B 43 -16.96 -3.86 -18.89
C ARG B 43 -15.86 -3.48 -17.90
N VAL B 44 -16.26 -2.98 -16.74
CA VAL B 44 -15.33 -2.59 -15.68
C VAL B 44 -14.79 -3.82 -14.97
N GLY B 45 -13.47 -3.93 -14.88
CA GLY B 45 -12.82 -5.04 -14.19
C GLY B 45 -12.90 -4.93 -12.68
N ASN B 46 -12.19 -5.82 -12.00
CA ASN B 46 -12.15 -5.84 -10.54
C ASN B 46 -10.73 -5.78 -9.99
N GLY B 47 -10.49 -4.85 -9.07
CA GLY B 47 -9.18 -4.70 -8.43
C GLY B 47 -8.58 -3.31 -8.56
N GLU B 48 -7.28 -3.21 -8.28
CA GLU B 48 -6.56 -1.94 -8.28
C GLU B 48 -5.31 -1.99 -9.16
N GLU B 49 -4.65 -3.14 -9.19
CA GLU B 49 -3.38 -3.30 -9.91
C GLU B 49 -3.55 -3.60 -11.39
N THR B 50 -2.77 -2.90 -12.21
CA THR B 50 -2.70 -3.14 -13.65
C THR B 50 -1.51 -4.05 -13.96
N PRO B 51 -1.62 -4.87 -15.03
CA PRO B 51 -0.52 -5.75 -15.44
C PRO B 51 0.76 -4.97 -15.74
N MET B 52 1.89 -5.52 -15.31
CA MET B 52 3.19 -4.87 -15.50
C MET B 52 3.99 -5.50 -16.62
N ILE B 53 5.11 -4.87 -16.98
CA ILE B 53 5.98 -5.36 -18.05
C ILE B 53 6.66 -6.65 -17.61
N GLY B 54 6.61 -7.66 -18.47
CA GLY B 54 7.17 -8.97 -18.16
C GLY B 54 6.12 -9.94 -17.63
N ASP B 55 5.03 -9.38 -17.10
CA ASP B 55 3.92 -10.18 -16.57
C ASP B 55 3.30 -11.05 -17.66
N LYS B 56 2.81 -12.22 -17.24
CA LYS B 56 2.12 -13.15 -18.13
C LYS B 56 0.62 -12.83 -18.13
N VAL B 57 0.09 -12.49 -19.31
CA VAL B 57 -1.30 -12.05 -19.41
C VAL B 57 -2.17 -13.00 -20.24
N TYR B 58 -3.38 -13.26 -19.74
CA TYR B 58 -4.35 -14.13 -20.39
C TYR B 58 -5.49 -13.27 -20.93
N VAL B 59 -5.72 -13.33 -22.24
CA VAL B 59 -6.75 -12.51 -22.89
C VAL B 59 -7.56 -13.24 -23.97
N HIS B 60 -8.81 -12.84 -24.11
CA HIS B 60 -9.63 -13.20 -25.27
C HIS B 60 -9.84 -11.95 -26.12
N TYR B 61 -9.58 -12.08 -27.42
CA TYR B 61 -9.66 -10.94 -28.33
C TYR B 61 -10.49 -11.18 -29.58
N LYS B 62 -10.85 -10.08 -30.24
CA LYS B 62 -11.61 -10.10 -31.49
C LYS B 62 -11.15 -8.92 -32.35
N GLY B 63 -10.67 -9.22 -33.55
CA GLY B 63 -10.12 -8.20 -34.44
C GLY B 63 -10.97 -7.92 -35.66
N LYS B 64 -11.23 -6.64 -35.91
CA LYS B 64 -12.00 -6.21 -37.08
C LYS B 64 -11.28 -5.10 -37.85
N LEU B 65 -11.32 -5.19 -39.17
CA LEU B 65 -10.72 -4.18 -40.06
C LEU B 65 -11.56 -2.91 -40.10
N SER B 66 -11.16 -1.95 -40.93
CA SER B 66 -11.91 -0.70 -41.11
C SER B 66 -13.23 -0.91 -41.84
N ASN B 67 -13.30 -1.93 -42.69
CA ASN B 67 -14.51 -2.26 -43.44
C ASN B 67 -15.56 -3.03 -42.62
N GLY B 68 -15.09 -3.73 -41.59
CA GLY B 68 -15.98 -4.48 -40.69
C GLY B 68 -15.74 -5.98 -40.66
N LYS B 69 -14.81 -6.45 -41.49
CA LYS B 69 -14.49 -7.87 -41.59
C LYS B 69 -13.63 -8.35 -40.42
N LYS B 70 -14.02 -9.47 -39.83
CA LYS B 70 -13.24 -10.11 -38.76
C LYS B 70 -12.08 -10.88 -39.36
N PHE B 71 -10.87 -10.61 -38.88
CA PHE B 71 -9.67 -11.28 -39.39
C PHE B 71 -9.04 -12.28 -38.42
N ASP B 72 -9.06 -11.97 -37.13
CA ASP B 72 -8.42 -12.82 -36.12
C ASP B 72 -9.12 -12.76 -34.77
N SER B 73 -9.22 -13.92 -34.12
CA SER B 73 -9.77 -14.04 -32.77
C SER B 73 -9.17 -15.23 -32.04
N SER B 74 -9.19 -15.19 -30.71
CA SER B 74 -8.64 -16.28 -29.89
C SER B 74 -9.64 -17.42 -29.72
N HIS B 75 -10.91 -17.14 -29.97
CA HIS B 75 -11.99 -18.11 -29.78
C HIS B 75 -12.04 -19.21 -30.84
N ASP B 76 -11.57 -18.91 -32.06
CA ASP B 76 -11.48 -19.93 -33.11
C ASP B 76 -10.27 -20.85 -32.93
N ARG B 77 -9.41 -20.50 -31.96
CA ARG B 77 -8.37 -21.40 -31.47
C ARG B 77 -8.90 -22.23 -30.30
N ASN B 78 -10.05 -21.81 -29.76
CA ASN B 78 -10.71 -22.44 -28.61
C ASN B 78 -9.92 -22.36 -27.30
N GLU B 79 -9.07 -21.35 -27.20
CA GLU B 79 -8.16 -21.18 -26.07
C GLU B 79 -7.77 -19.72 -25.85
N PRO B 80 -7.45 -19.33 -24.60
CA PRO B 80 -7.02 -17.97 -24.28
C PRO B 80 -5.64 -17.66 -24.86
N PHE B 81 -5.47 -16.43 -25.35
CA PHE B 81 -4.18 -15.99 -25.89
C PHE B 81 -3.28 -15.49 -24.76
N VAL B 82 -2.10 -16.09 -24.67
CA VAL B 82 -1.17 -15.81 -23.58
C VAL B 82 0.15 -15.29 -24.13
N PHE B 83 0.66 -14.20 -23.53
CA PHE B 83 1.93 -13.60 -23.92
C PHE B 83 2.57 -12.78 -22.79
N SER B 84 3.84 -12.43 -22.97
CA SER B 84 4.55 -11.56 -22.05
C SER B 84 4.36 -10.11 -22.45
N LEU B 85 3.97 -9.27 -21.49
CA LEU B 85 3.68 -7.86 -21.76
C LEU B 85 4.95 -7.03 -21.91
N GLY B 86 4.90 -6.07 -22.84
CA GLY B 86 5.98 -5.12 -23.06
C GLY B 86 7.24 -5.72 -23.66
N LYS B 87 7.12 -6.93 -24.20
CA LYS B 87 8.25 -7.63 -24.80
C LYS B 87 8.18 -7.65 -26.32
N GLY B 88 7.14 -7.05 -26.87
CA GLY B 88 6.94 -6.98 -28.32
C GLY B 88 6.51 -8.31 -28.92
N GLN B 89 5.88 -9.15 -28.11
CA GLN B 89 5.32 -10.42 -28.57
C GLN B 89 3.96 -10.18 -29.24
N VAL B 90 3.46 -8.95 -29.11
CA VAL B 90 2.24 -8.49 -29.76
C VAL B 90 2.48 -7.13 -30.41
N ILE B 91 1.45 -6.58 -31.05
CA ILE B 91 1.54 -5.24 -31.63
C ILE B 91 1.63 -4.18 -30.53
N LYS B 92 2.21 -3.03 -30.88
CA LYS B 92 2.47 -1.96 -29.91
C LYS B 92 1.20 -1.45 -29.23
N ALA B 93 0.09 -1.44 -29.97
CA ALA B 93 -1.20 -1.00 -29.43
C ALA B 93 -1.72 -1.90 -28.31
N TRP B 94 -1.39 -3.19 -28.40
CA TRP B 94 -1.73 -4.15 -27.36
C TRP B 94 -0.86 -3.94 -26.11
N ASP B 95 0.45 -3.85 -26.31
CA ASP B 95 1.41 -3.63 -25.23
C ASP B 95 1.06 -2.39 -24.37
N ILE B 96 0.50 -1.37 -25.00
CA ILE B 96 0.05 -0.17 -24.30
C ILE B 96 -1.38 -0.36 -23.77
N GLY B 97 -2.25 -0.88 -24.63
CA GLY B 97 -3.67 -1.04 -24.31
C GLY B 97 -3.95 -1.94 -23.12
N VAL B 98 -3.27 -3.09 -23.08
CA VAL B 98 -3.46 -4.06 -21.99
C VAL B 98 -2.92 -3.51 -20.67
N ALA B 99 -1.75 -2.85 -20.74
CA ALA B 99 -1.08 -2.31 -19.55
C ALA B 99 -1.92 -1.27 -18.79
N THR B 100 -3.07 -0.90 -19.37
CA THR B 100 -3.96 0.10 -18.78
C THR B 100 -5.27 -0.51 -18.28
N MET B 101 -5.40 -1.83 -18.42
CA MET B 101 -6.61 -2.55 -18.05
C MET B 101 -6.56 -3.17 -16.65
N LYS B 102 -7.72 -3.63 -16.18
CA LYS B 102 -7.82 -4.39 -14.94
C LYS B 102 -8.29 -5.81 -15.23
N LYS B 103 -8.16 -6.70 -14.24
CA LYS B 103 -8.53 -8.10 -14.41
C LYS B 103 -10.04 -8.27 -14.50
N GLY B 104 -10.50 -8.84 -15.61
CA GLY B 104 -11.92 -9.04 -15.87
C GLY B 104 -12.51 -7.98 -16.79
N GLU B 105 -11.74 -6.94 -17.07
CA GLU B 105 -12.20 -5.81 -17.88
C GLU B 105 -12.23 -6.13 -19.37
N ILE B 106 -13.29 -5.69 -20.03
CA ILE B 106 -13.37 -5.72 -21.50
C ILE B 106 -13.32 -4.28 -22.01
N CYS B 107 -12.61 -4.07 -23.11
CA CYS B 107 -12.48 -2.73 -23.70
C CYS B 107 -12.35 -2.79 -25.23
N HIS B 108 -12.53 -1.64 -25.86
CA HIS B 108 -12.36 -1.52 -27.31
C HIS B 108 -11.16 -0.67 -27.68
N LEU B 109 -10.43 -1.10 -28.71
CA LEU B 109 -9.21 -0.42 -29.13
C LEU B 109 -9.22 -0.07 -30.62
N LEU B 110 -9.12 1.22 -30.93
CA LEU B 110 -8.95 1.68 -32.30
C LEU B 110 -7.47 2.03 -32.51
N CYS B 111 -6.83 1.28 -33.40
CA CYS B 111 -5.37 1.32 -33.52
C CYS B 111 -4.92 1.79 -34.91
N LYS B 112 -4.18 2.90 -34.94
CA LYS B 112 -3.56 3.41 -36.16
C LYS B 112 -2.44 2.46 -36.63
N PRO B 113 -2.16 2.43 -37.95
CA PRO B 113 -1.11 1.57 -38.52
C PRO B 113 0.25 1.70 -37.82
N GLU B 114 0.59 2.90 -37.35
CA GLU B 114 1.85 3.14 -36.63
C GLU B 114 1.98 2.31 -35.36
N TYR B 115 0.83 1.97 -34.77
CA TYR B 115 0.78 1.15 -33.55
C TYR B 115 0.27 -0.26 -33.86
N ALA B 116 0.04 -0.55 -35.14
CA ALA B 116 -0.45 -1.85 -35.57
C ALA B 116 0.56 -2.59 -36.45
N TYR B 117 0.40 -2.50 -37.76
CA TYR B 117 1.25 -3.23 -38.70
C TYR B 117 2.01 -2.32 -39.68
N GLY B 118 1.61 -1.06 -39.74
CA GLY B 118 2.33 -0.05 -40.51
C GLY B 118 2.01 0.00 -41.99
N SER B 119 3.00 0.41 -42.77
CA SER B 119 2.86 0.56 -44.22
C SER B 119 2.89 -0.79 -44.95
N ALA B 120 3.60 -1.75 -44.38
CA ALA B 120 3.74 -3.09 -44.98
C ALA B 120 2.49 -3.95 -44.81
N GLY B 121 1.83 -3.82 -43.66
CA GLY B 121 0.66 -4.63 -43.35
C GLY B 121 1.03 -6.06 -42.99
N SER B 122 0.06 -6.97 -43.09
CA SER B 122 0.31 -8.38 -42.82
C SER B 122 -0.47 -9.27 -43.78
N LEU B 123 0.25 -10.14 -44.48
CA LEU B 123 -0.33 -11.06 -45.44
C LEU B 123 -1.08 -12.20 -44.74
N PRO B 124 -2.22 -12.64 -45.30
CA PRO B 124 -2.92 -12.08 -46.47
C PRO B 124 -4.15 -11.22 -46.14
N LYS B 125 -4.35 -10.91 -44.85
CA LYS B 125 -5.58 -10.24 -44.40
C LYS B 125 -5.45 -8.74 -44.13
N ILE B 126 -4.34 -8.34 -43.50
CA ILE B 126 -4.11 -6.93 -43.17
C ILE B 126 -3.54 -6.16 -44.36
N PRO B 127 -4.26 -5.12 -44.82
CA PRO B 127 -3.79 -4.29 -45.93
C PRO B 127 -2.79 -3.21 -45.48
N SER B 128 -2.32 -2.41 -46.44
CA SER B 128 -1.35 -1.35 -46.19
C SER B 128 -1.97 -0.18 -45.43
N ASN B 129 -1.24 0.33 -44.44
CA ASN B 129 -1.67 1.45 -43.59
C ASN B 129 -3.08 1.27 -43.02
N ALA B 130 -3.31 0.12 -42.40
CA ALA B 130 -4.63 -0.24 -41.90
C ALA B 130 -4.88 0.24 -40.47
N THR B 131 -6.04 0.85 -40.26
CA THR B 131 -6.50 1.23 -38.92
C THR B 131 -7.44 0.13 -38.42
N LEU B 132 -7.06 -0.49 -37.30
CA LEU B 132 -7.71 -1.71 -36.82
C LEU B 132 -8.58 -1.50 -35.57
N PHE B 133 -9.50 -2.44 -35.35
CA PHE B 133 -10.35 -2.46 -34.17
C PHE B 133 -10.12 -3.73 -33.34
N PHE B 134 -10.17 -3.60 -32.02
CA PHE B 134 -9.96 -4.73 -31.12
C PHE B 134 -10.87 -4.73 -29.90
N GLU B 135 -11.44 -5.89 -29.58
CA GLU B 135 -12.17 -6.11 -28.35
C GLU B 135 -11.42 -7.14 -27.50
N ILE B 136 -10.69 -6.64 -26.51
CA ILE B 136 -9.84 -7.50 -25.69
C ILE B 136 -10.33 -7.57 -24.24
N GLU B 137 -10.46 -8.80 -23.73
CA GLU B 137 -10.85 -9.05 -22.35
C GLU B 137 -9.69 -9.63 -21.56
N LEU B 138 -9.30 -8.93 -20.50
CA LEU B 138 -8.22 -9.39 -19.64
C LEU B 138 -8.73 -10.41 -18.63
N LEU B 139 -8.44 -11.68 -18.90
CA LEU B 139 -8.92 -12.79 -18.06
C LEU B 139 -8.14 -12.88 -16.75
N ASP B 140 -6.81 -12.86 -16.85
CA ASP B 140 -5.91 -13.02 -15.72
C ASP B 140 -4.51 -12.53 -16.08
N PHE B 141 -3.77 -12.07 -15.08
CA PHE B 141 -2.36 -11.72 -15.25
C PHE B 141 -1.50 -12.26 -14.10
N LYS B 142 -0.44 -12.98 -14.45
CA LYS B 142 0.47 -13.57 -13.48
C LYS B 142 1.87 -12.98 -13.60
N GLY B 143 2.71 -13.20 -12.59
CA GLY B 143 4.08 -12.71 -12.59
C GLY B 143 4.97 -13.39 -13.60
N GLU B 144 6.22 -12.92 -13.68
CA GLU B 144 7.20 -13.47 -14.61
C GLU B 144 7.99 -14.61 -13.95
N ASP B 145 7.73 -15.84 -14.39
CA ASP B 145 8.48 -17.00 -13.92
C ASP B 145 9.85 -17.00 -14.59
N LEU B 146 10.83 -16.47 -13.87
CA LEU B 146 12.15 -16.20 -14.45
C LEU B 146 12.95 -17.42 -14.88
N PHE B 147 12.62 -18.59 -14.33
CA PHE B 147 13.34 -19.81 -14.68
C PHE B 147 12.42 -20.97 -15.06
N GLU B 148 11.17 -20.64 -15.39
CA GLU B 148 10.16 -21.62 -15.78
C GLU B 148 9.98 -22.73 -14.74
N ASP B 149 10.36 -22.44 -13.50
CA ASP B 149 10.35 -23.41 -12.42
C ASP B 149 9.50 -22.92 -11.24
N GLY B 150 9.06 -21.67 -11.30
CA GLY B 150 8.29 -21.05 -10.23
C GLY B 150 9.15 -20.68 -9.05
N GLY B 151 10.45 -20.89 -9.17
CA GLY B 151 11.41 -20.59 -8.12
C GLY B 151 11.49 -19.10 -7.81
N ILE B 152 11.76 -18.32 -8.84
CA ILE B 152 11.79 -16.86 -8.70
C ILE B 152 10.72 -16.22 -9.59
N ILE B 153 9.85 -15.44 -8.97
CA ILE B 153 8.82 -14.70 -9.68
C ILE B 153 9.13 -13.21 -9.59
N ARG B 154 9.08 -12.55 -10.74
CA ARG B 154 9.40 -11.12 -10.84
C ARG B 154 8.20 -10.32 -11.34
N ARG B 155 7.85 -9.28 -10.58
CA ARG B 155 6.86 -8.32 -11.04
C ARG B 155 7.49 -6.92 -11.10
N THR B 156 7.74 -6.47 -12.33
CA THR B 156 8.45 -5.23 -12.60
C THR B 156 7.64 -4.00 -12.21
N LYS B 157 8.14 -3.27 -11.22
CA LYS B 157 7.52 -2.01 -10.81
C LYS B 157 7.84 -0.90 -11.80
N ARG B 158 9.06 -0.93 -12.35
CA ARG B 158 9.50 0.09 -13.29
C ARG B 158 10.46 -0.43 -14.36
N LYS B 159 10.17 -0.08 -15.61
CA LYS B 159 11.00 -0.40 -16.76
C LYS B 159 12.44 0.07 -16.58
N GLY B 160 13.37 -0.78 -16.97
CA GLY B 160 14.78 -0.42 -17.00
C GLY B 160 15.19 0.20 -18.31
N GLU B 161 16.39 0.77 -18.36
CA GLU B 161 17.00 1.25 -19.59
C GLU B 161 18.36 0.60 -19.74
N GLY B 162 18.48 -0.36 -20.65
CA GLY B 162 19.75 -1.04 -20.86
C GLY B 162 19.80 -1.97 -22.05
N TYR B 163 20.88 -1.86 -22.81
CA TYR B 163 21.19 -2.79 -23.89
C TYR B 163 21.69 -4.12 -23.32
N SER B 164 22.30 -4.05 -22.13
CA SER B 164 22.95 -5.22 -21.52
C SER B 164 22.45 -5.52 -20.12
N ASN B 165 22.54 -6.81 -19.76
CA ASN B 165 22.23 -7.29 -18.42
C ASN B 165 23.50 -7.71 -17.69
N PRO B 166 23.54 -7.55 -16.35
CA PRO B 166 24.70 -7.98 -15.57
C PRO B 166 24.97 -9.47 -15.74
N ASN B 167 26.25 -9.84 -15.82
CA ASN B 167 26.67 -11.22 -15.93
C ASN B 167 27.27 -11.73 -14.62
N GLU B 168 27.65 -13.01 -14.58
CA GLU B 168 28.29 -13.58 -13.40
C GLU B 168 29.66 -12.94 -13.19
N GLY B 169 29.88 -12.42 -12.00
CA GLY B 169 31.12 -11.71 -11.69
C GLY B 169 30.98 -10.20 -11.82
N ALA B 170 29.84 -9.75 -12.33
CA ALA B 170 29.56 -8.32 -12.48
C ALA B 170 29.35 -7.65 -11.13
N THR B 171 30.12 -6.59 -10.89
CA THR B 171 29.97 -5.79 -9.69
C THR B 171 28.75 -4.89 -9.84
N VAL B 172 27.80 -5.05 -8.93
CA VAL B 172 26.55 -4.32 -9.02
C VAL B 172 26.39 -3.33 -7.88
N GLU B 173 25.45 -2.40 -8.06
CA GLU B 173 25.01 -1.49 -7.02
C GLU B 173 23.50 -1.49 -7.05
N ILE B 174 22.88 -1.88 -5.94
CA ILE B 174 21.43 -2.00 -5.88
C ILE B 174 20.84 -1.43 -4.59
N HIS B 175 19.55 -1.12 -4.63
CA HIS B 175 18.78 -0.93 -3.41
C HIS B 175 18.00 -2.22 -3.15
N LEU B 176 18.04 -2.69 -1.91
CA LEU B 176 17.52 -4.01 -1.58
C LEU B 176 16.57 -4.01 -0.39
N GLU B 177 15.31 -4.34 -0.65
CA GLU B 177 14.29 -4.43 0.40
C GLU B 177 13.79 -5.88 0.47
N GLY B 178 13.77 -6.43 1.68
CA GLY B 178 13.37 -7.84 1.85
C GLY B 178 12.50 -8.12 3.07
N ARG B 179 11.39 -8.80 2.85
CA ARG B 179 10.53 -9.25 3.95
C ARG B 179 10.30 -10.75 3.96
N CYS B 180 10.06 -11.29 5.15
CA CYS B 180 9.77 -12.70 5.34
C CYS B 180 8.30 -12.84 5.69
N GLY B 181 7.50 -13.18 4.68
CA GLY B 181 6.05 -13.37 4.83
C GLY B 181 5.33 -12.20 5.47
N GLY B 182 5.94 -11.00 5.40
CA GLY B 182 5.36 -9.80 6.01
C GLY B 182 6.33 -9.03 6.88
N ARG B 183 7.15 -9.74 7.65
CA ARG B 183 8.17 -9.10 8.48
C ARG B 183 9.34 -8.70 7.60
N MET B 184 9.58 -7.40 7.51
CA MET B 184 10.71 -6.86 6.74
C MET B 184 12.00 -7.06 7.53
N PHE B 185 13.08 -7.41 6.83
CA PHE B 185 14.35 -7.71 7.52
C PHE B 185 15.58 -7.00 6.95
N ASP B 186 15.64 -6.86 5.62
CA ASP B 186 16.81 -6.31 4.95
C ASP B 186 16.48 -5.03 4.18
N CYS B 187 17.04 -3.91 4.63
CA CYS B 187 16.83 -2.64 3.96
C CYS B 187 18.11 -1.82 3.94
N ARG B 188 18.62 -1.58 2.73
CA ARG B 188 19.94 -0.98 2.52
C ARG B 188 20.25 -0.79 1.03
N ASP B 189 21.31 -0.03 0.75
CA ASP B 189 21.89 0.05 -0.58
C ASP B 189 23.17 -0.79 -0.61
N VAL B 190 23.16 -1.86 -1.40
CA VAL B 190 24.28 -2.80 -1.43
C VAL B 190 25.09 -2.73 -2.71
N ALA B 191 26.41 -2.79 -2.54
CA ALA B 191 27.34 -2.90 -3.66
C ALA B 191 28.16 -4.17 -3.48
N PHE B 192 28.00 -5.11 -4.42
CA PHE B 192 28.65 -6.43 -4.33
C PHE B 192 28.90 -7.05 -5.71
N THR B 193 29.33 -8.31 -5.70
CA THR B 193 29.65 -9.05 -6.92
C THR B 193 28.63 -10.16 -7.14
N VAL B 194 28.17 -10.28 -8.39
CA VAL B 194 27.21 -11.30 -8.78
C VAL B 194 27.83 -12.70 -8.67
N GLY B 195 27.11 -13.60 -8.00
CA GLY B 195 27.60 -14.95 -7.74
C GLY B 195 28.17 -15.08 -6.33
N GLU B 196 28.29 -13.95 -5.65
CA GLU B 196 28.88 -13.89 -4.32
C GLU B 196 28.02 -13.07 -3.34
N GLY B 197 26.70 -13.21 -3.46
CA GLY B 197 25.76 -12.52 -2.58
C GLY B 197 25.80 -13.07 -1.16
N GLU B 198 26.29 -14.30 -1.04
CA GLU B 198 26.49 -14.99 0.24
C GLU B 198 27.22 -14.12 1.27
N ASP B 199 28.35 -13.57 0.84
CA ASP B 199 29.23 -12.76 1.69
C ASP B 199 28.51 -11.57 2.33
N HIS B 200 27.63 -10.93 1.55
CA HIS B 200 26.91 -9.76 2.02
C HIS B 200 25.51 -10.08 2.54
N ASP B 201 25.32 -11.33 2.96
CA ASP B 201 24.05 -11.80 3.54
C ASP B 201 22.88 -11.59 2.59
N ILE B 202 23.07 -12.01 1.34
CA ILE B 202 22.07 -11.88 0.30
C ILE B 202 21.80 -13.26 -0.29
N PRO B 203 20.50 -13.62 -0.42
CA PRO B 203 20.11 -14.92 -0.97
C PRO B 203 20.60 -15.11 -2.40
N ILE B 204 20.80 -16.36 -2.79
CA ILE B 204 21.29 -16.71 -4.13
C ILE B 204 20.30 -16.25 -5.23
N GLY B 205 19.01 -16.24 -4.90
CA GLY B 205 17.97 -15.83 -5.83
C GLY B 205 18.16 -14.48 -6.46
N ILE B 206 18.59 -13.50 -5.65
CA ILE B 206 18.87 -12.15 -6.14
C ILE B 206 19.91 -12.19 -7.25
N ASP B 207 21.04 -12.84 -6.95
CA ASP B 207 22.13 -13.00 -7.90
C ASP B 207 21.64 -13.60 -9.20
N LYS B 208 20.77 -14.59 -9.08
CA LYS B 208 20.16 -15.25 -10.23
C LYS B 208 19.22 -14.30 -10.98
N ALA B 209 18.56 -13.43 -10.23
CA ALA B 209 17.59 -12.48 -10.80
C ALA B 209 18.26 -11.26 -11.43
N LEU B 210 19.44 -10.90 -10.92
CA LEU B 210 20.20 -9.77 -11.45
C LEU B 210 20.54 -9.95 -12.92
N GLU B 211 20.80 -11.19 -13.31
CA GLU B 211 21.17 -11.53 -14.69
C GLU B 211 20.07 -11.25 -15.72
N LYS B 212 18.83 -11.13 -15.26
CA LYS B 212 17.72 -10.77 -16.13
C LYS B 212 17.10 -9.43 -15.73
N MET B 213 17.97 -8.46 -15.47
CA MET B 213 17.56 -7.11 -15.10
C MET B 213 18.37 -6.05 -15.86
N GLN B 214 17.71 -4.97 -16.24
CA GLN B 214 18.38 -3.83 -16.89
C GLN B 214 18.82 -2.80 -15.86
N ARG B 215 19.63 -1.84 -16.30
CA ARG B 215 19.88 -0.65 -15.50
C ARG B 215 18.56 0.05 -15.26
N GLU B 216 18.41 0.63 -14.07
CA GLU B 216 17.23 1.42 -13.71
C GLU B 216 15.93 0.59 -13.66
N GLU B 217 16.06 -0.68 -13.27
CA GLU B 217 14.90 -1.56 -13.18
C GLU B 217 14.50 -1.82 -11.73
N GLN B 218 13.25 -1.47 -11.42
CA GLN B 218 12.63 -1.82 -10.14
C GLN B 218 11.68 -2.98 -10.36
N CYS B 219 11.70 -3.94 -9.45
CA CYS B 219 10.84 -5.11 -9.54
C CYS B 219 10.78 -5.86 -8.22
N ILE B 220 9.62 -6.46 -7.95
CA ILE B 220 9.41 -7.24 -6.75
C ILE B 220 9.76 -8.69 -7.03
N LEU B 221 10.45 -9.32 -6.09
CA LEU B 221 10.95 -10.69 -6.28
C LEU B 221 10.41 -11.68 -5.26
N TYR B 222 9.71 -12.69 -5.76
CA TYR B 222 9.11 -13.72 -4.94
C TYR B 222 9.99 -14.96 -4.99
N LEU B 223 10.80 -15.14 -3.96
CA LEU B 223 11.74 -16.26 -3.91
C LEU B 223 11.11 -17.48 -3.24
N GLY B 224 11.32 -18.64 -3.86
CA GLY B 224 10.91 -19.91 -3.27
C GLY B 224 11.96 -20.38 -2.27
N PRO B 225 11.71 -21.52 -1.62
CA PRO B 225 12.62 -22.07 -0.62
C PRO B 225 14.01 -22.34 -1.20
N ARG B 226 14.04 -22.78 -2.46
CA ARG B 226 15.29 -23.13 -3.14
C ARG B 226 16.16 -21.90 -3.41
N TYR B 227 15.53 -20.78 -3.70
CA TYR B 227 16.23 -19.53 -4.02
C TYR B 227 16.28 -18.55 -2.84
N GLY B 228 15.70 -18.95 -1.72
CA GLY B 228 15.77 -18.18 -0.48
C GLY B 228 17.11 -18.40 0.19
N PHE B 229 17.08 -18.80 1.46
CA PHE B 229 18.31 -19.13 2.17
C PHE B 229 18.50 -20.64 2.34
N GLY B 230 17.54 -21.40 1.83
CA GLY B 230 17.63 -22.86 1.78
C GLY B 230 17.44 -23.57 3.10
N GLU B 231 17.92 -24.82 3.18
CA GLU B 231 17.81 -25.65 4.38
C GLU B 231 18.48 -25.01 5.59
N ALA B 232 19.27 -23.97 5.34
CA ALA B 232 19.95 -23.22 6.38
C ALA B 232 19.01 -22.21 7.03
N GLY B 233 18.50 -21.28 6.24
CA GLY B 233 17.75 -20.15 6.76
C GLY B 233 18.70 -19.01 7.08
N LYS B 234 18.22 -18.00 7.81
CA LYS B 234 19.04 -16.84 8.16
C LYS B 234 18.68 -16.28 9.54
N PRO B 235 19.31 -16.82 10.59
CA PRO B 235 19.07 -16.39 11.96
C PRO B 235 19.44 -14.94 12.24
N LYS B 236 20.53 -14.45 11.66
CA LYS B 236 20.95 -13.06 11.89
C LYS B 236 19.88 -12.07 11.43
N PHE B 237 18.96 -12.54 10.60
CA PHE B 237 17.77 -11.79 10.23
C PHE B 237 16.55 -12.35 10.93
N GLY B 238 16.58 -13.64 11.23
CA GLY B 238 15.44 -14.33 11.82
C GLY B 238 14.59 -14.97 10.75
N ILE B 239 15.21 -15.82 9.94
CA ILE B 239 14.52 -16.51 8.87
C ILE B 239 14.72 -18.01 8.99
N GLU B 240 13.60 -18.73 9.11
CA GLU B 240 13.61 -20.17 9.28
C GLU B 240 14.06 -20.91 8.01
N PRO B 241 14.55 -22.16 8.16
CA PRO B 241 14.98 -22.96 7.02
C PRO B 241 13.91 -23.06 5.93
N ASN B 242 14.33 -22.96 4.68
CA ASN B 242 13.44 -23.04 3.52
C ASN B 242 12.19 -22.15 3.66
N ALA B 243 12.42 -20.89 4.00
CA ALA B 243 11.33 -19.92 4.12
C ALA B 243 11.27 -19.00 2.90
N GLU B 244 10.04 -18.70 2.48
CA GLU B 244 9.79 -17.90 1.27
C GLU B 244 9.95 -16.40 1.55
N LEU B 245 10.77 -15.75 0.72
CA LEU B 245 11.12 -14.33 0.90
C LEU B 245 10.60 -13.47 -0.24
N ILE B 246 10.40 -12.19 0.05
CA ILE B 246 9.96 -11.22 -0.95
C ILE B 246 10.85 -9.97 -0.92
N TYR B 247 11.55 -9.75 -2.03
CA TYR B 247 12.50 -8.65 -2.18
C TYR B 247 12.07 -7.62 -3.22
N GLU B 248 12.39 -6.36 -2.98
CA GLU B 248 12.29 -5.32 -3.99
C GLU B 248 13.71 -4.96 -4.41
N VAL B 249 14.03 -5.16 -5.68
CA VAL B 249 15.38 -4.89 -6.17
C VAL B 249 15.43 -3.77 -7.18
N THR B 250 16.15 -2.71 -6.82
CA THR B 250 16.38 -1.58 -7.69
C THR B 250 17.83 -1.63 -8.12
N LEU B 251 18.06 -2.01 -9.38
CA LEU B 251 19.42 -2.06 -9.93
C LEU B 251 19.87 -0.68 -10.36
N LYS B 252 20.71 -0.06 -9.54
CA LYS B 252 21.21 1.29 -9.81
C LYS B 252 22.17 1.28 -11.00
N SER B 253 23.41 0.89 -10.76
CA SER B 253 24.43 0.83 -11.80
C SER B 253 25.35 -0.35 -11.60
N PHE B 254 25.88 -0.88 -12.69
CA PHE B 254 26.77 -2.03 -12.66
C PHE B 254 27.88 -1.93 -13.71
N GLU B 255 28.92 -2.74 -13.52
CA GLU B 255 29.99 -2.89 -14.49
C GLU B 255 30.26 -4.38 -14.67
N LYS B 256 30.09 -4.86 -15.90
CA LYS B 256 30.27 -6.28 -16.21
C LYS B 256 31.72 -6.71 -16.11
N ALA B 257 31.93 -7.94 -15.65
CA ALA B 257 33.26 -8.53 -15.61
C ALA B 257 33.56 -9.22 -16.94
N LYS B 258 34.84 -9.21 -17.32
CA LYS B 258 35.30 -9.77 -18.59
C LYS B 258 35.00 -11.26 -18.72
#